data_9DTJ
#
_entry.id   9DTJ
#
_cell.length_a   56.790
_cell.length_b   59.591
_cell.length_c   77.544
_cell.angle_alpha   90.00
_cell.angle_beta   90.00
_cell.angle_gamma   90.00
#
_symmetry.space_group_name_H-M   'P 2 21 21'
#
loop_
_entity.id
_entity.type
_entity.pdbx_description
1 polymer 'Carbapenem-hydrolyzing beta-lactamase KPC'
2 non-polymer '{[6-fluoro-1-methyl-2-oxo-7-(pyrrolidin-1-yl)-1,2-dihydroquinolin-4-yl]methyl}phosphonic acid'
3 non-polymer 'SULFATE ION'
4 water water
#
_entity_poly.entity_id   1
_entity_poly.type   'polypeptide(L)'
_entity_poly.pdbx_seq_one_letter_code
;MGSSHHHHHHSSGLVPRGSHMLTNLVAEPFAKLEQDFGGSIGVYAMDTGSGATVSYRAEERFPLCSSFKGFLAAAVLARS
QQQAGLLDTPIRYGKNALVPWSPISEKYLTTGMTVAELSAAAVQYSDNAAANLLLKELGGPAGLTAFMRSIGDTTFRLDR
WELELNSAIPGDARDTSSPRAVTESLQKLTLGSALAAPQRQQFVDWLKGNTTGNHRIRAAVPADWAVGDKTGTCGVYGTA
NDYAVVWPTGRAPIVLAVYTRAPNKDDKHSEAVIAAAARLALEGLGVNGQ
;
_entity_poly.pdbx_strand_id   A
#
# COMPACT_ATOMS: atom_id res chain seq x y z
N HIS A 20 15.97 16.79 -2.40
CA HIS A 20 16.97 17.85 -2.75
C HIS A 20 17.09 18.81 -1.57
N MET A 21 16.54 20.03 -1.69
CA MET A 21 16.57 21.07 -0.62
C MET A 21 15.36 20.89 0.32
N LEU A 22 14.27 20.26 -0.18
CA LEU A 22 13.03 19.98 0.60
C LEU A 22 13.26 18.80 1.55
N THR A 23 14.04 17.80 1.10
CA THR A 23 14.49 16.63 1.90
C THR A 23 15.32 17.12 3.09
N ASN A 24 16.15 18.16 2.88
CA ASN A 24 17.06 18.77 3.89
C ASN A 24 16.22 19.47 4.98
N LEU A 25 15.22 20.25 4.57
CA LEU A 25 14.28 21.01 5.46
C LEU A 25 13.66 20.09 6.52
N VAL A 26 13.17 18.91 6.12
CA VAL A 26 12.28 18.04 6.95
C VAL A 26 13.09 17.02 7.75
N ALA A 27 14.42 16.96 7.57
CA ALA A 27 15.30 15.94 8.19
C ALA A 27 15.13 15.97 9.71
N GLU A 28 15.25 17.15 10.32
CA GLU A 28 15.16 17.34 11.79
C GLU A 28 13.75 16.95 12.26
N PRO A 29 12.66 17.53 11.71
CA PRO A 29 11.30 17.14 12.10
C PRO A 29 11.05 15.63 12.04
N PHE A 30 11.51 14.96 10.97
CA PHE A 30 11.38 13.50 10.81
C PHE A 30 12.20 12.79 11.90
N ALA A 31 13.43 13.25 12.17
CA ALA A 31 14.32 12.64 13.18
C ALA A 31 13.63 12.65 14.54
N LYS A 32 13.05 13.80 14.90
CA LYS A 32 12.37 14.01 16.21
C LYS A 32 11.12 13.14 16.27
N LEU A 33 10.35 13.09 15.18
CA LEU A 33 9.13 12.25 15.10
C LEU A 33 9.50 10.77 15.30
N GLU A 34 10.53 10.28 14.63
CA GLU A 34 10.87 8.83 14.69
C GLU A 34 11.52 8.55 16.05
N GLN A 35 12.27 9.51 16.61
CA GLN A 35 12.87 9.36 17.95
C GLN A 35 11.76 9.20 19.00
N ASP A 36 10.74 10.08 18.94
CA ASP A 36 9.55 10.00 19.82
C ASP A 36 8.82 8.67 19.58
N PHE A 37 8.68 8.23 18.32
CA PHE A 37 8.02 6.93 17.96
C PHE A 37 8.81 5.75 18.53
N GLY A 38 10.14 5.85 18.51
CA GLY A 38 11.07 4.80 18.99
C GLY A 38 11.34 3.75 17.92
N GLY A 39 11.29 4.14 16.66
CA GLY A 39 11.60 3.22 15.54
C GLY A 39 12.07 3.98 14.33
N SER A 40 11.86 3.40 13.16
CA SER A 40 12.24 3.98 11.84
C SER A 40 10.97 4.40 11.11
N ILE A 41 10.99 5.61 10.54
CA ILE A 41 9.95 6.11 9.60
C ILE A 41 10.62 6.24 8.24
N GLY A 42 9.99 5.65 7.21
CA GLY A 42 10.37 5.82 5.80
C GLY A 42 9.30 6.60 5.06
N VAL A 43 9.69 7.67 4.38
CA VAL A 43 8.75 8.56 3.64
C VAL A 43 9.36 8.85 2.27
N TYR A 44 8.54 8.72 1.23
CA TYR A 44 8.80 9.31 -0.10
C TYR A 44 7.52 9.95 -0.60
N ALA A 45 7.59 11.23 -0.91
CA ALA A 45 6.46 12.06 -1.37
C ALA A 45 6.89 12.78 -2.64
N MET A 46 6.04 12.71 -3.66
CA MET A 46 6.31 13.27 -5.01
C MET A 46 5.18 14.24 -5.37
N ASP A 47 5.56 15.50 -5.65
CA ASP A 47 4.68 16.46 -6.38
C ASP A 47 4.77 16.10 -7.86
N THR A 48 3.69 15.57 -8.43
CA THR A 48 3.66 15.05 -9.83
C THR A 48 3.62 16.21 -10.82
N GLY A 49 3.38 17.44 -10.36
CA GLY A 49 3.45 18.69 -11.15
C GLY A 49 4.87 19.15 -11.35
N SER A 50 5.57 19.52 -10.28
CA SER A 50 6.96 20.05 -10.31
C SER A 50 7.98 18.89 -10.39
N GLY A 51 7.60 17.69 -9.95
CA GLY A 51 8.53 16.55 -9.82
C GLY A 51 9.34 16.66 -8.54
N ALA A 52 9.05 17.65 -7.71
CA ALA A 52 9.72 17.85 -6.41
C ALA A 52 9.44 16.67 -5.47
N THR A 53 10.41 16.37 -4.60
CA THR A 53 10.25 15.16 -3.75
C THR A 53 10.72 15.40 -2.33
N VAL A 54 10.08 14.74 -1.38
CA VAL A 54 10.55 14.73 0.04
C VAL A 54 10.97 13.28 0.34
N SER A 55 12.19 13.08 0.85
CA SER A 55 12.69 11.72 1.15
C SER A 55 13.21 11.60 2.58
N TYR A 56 12.86 10.52 3.28
CA TYR A 56 13.40 10.24 4.63
C TYR A 56 13.46 8.71 4.74
N ARG A 57 14.66 8.13 4.86
CA ARG A 57 14.86 6.66 4.80
C ARG A 57 14.08 6.09 3.60
N ALA A 58 14.06 6.81 2.48
CA ALA A 58 13.23 6.47 1.29
C ALA A 58 13.76 5.25 0.53
N GLU A 59 15.03 4.87 0.71
N GLU A 59 15.04 4.90 0.74
CA GLU A 59 15.65 3.71 0.01
CA GLU A 59 15.73 3.77 0.06
C GLU A 59 15.89 2.54 0.98
C GLU A 59 15.66 2.49 0.91
N GLU A 60 15.39 2.62 2.21
CA GLU A 60 15.48 1.47 3.14
C GLU A 60 14.29 0.54 2.90
N ARG A 61 14.50 -0.75 3.14
CA ARG A 61 13.42 -1.76 3.08
C ARG A 61 12.54 -1.67 4.33
N PHE A 62 11.23 -1.74 4.11
CA PHE A 62 10.22 -1.87 5.20
C PHE A 62 9.29 -3.00 4.81
N PRO A 63 8.82 -3.82 5.79
CA PRO A 63 7.82 -4.83 5.49
C PRO A 63 6.54 -4.25 4.87
N LEU A 64 6.02 -4.93 3.85
CA LEU A 64 4.82 -4.49 3.08
C LEU A 64 3.58 -4.68 3.96
N CYS A 65 3.53 -5.74 4.76
CA CYS A 65 2.31 -6.12 5.52
C CYS A 65 1.16 -6.15 4.50
N SER A 66 -0.03 -5.66 4.86
CA SER A 66 -1.20 -5.75 3.96
C SER A 66 -1.03 -4.84 2.73
N SER A 67 0.00 -3.98 2.67
CA SER A 67 0.10 -2.95 1.60
C SER A 67 0.30 -3.57 0.21
N PHE A 68 0.78 -4.80 0.10
CA PHE A 68 0.89 -5.54 -1.20
C PHE A 68 -0.50 -5.73 -1.81
N LYS A 69 -1.55 -5.87 -0.99
CA LYS A 69 -2.94 -6.21 -1.42
C LYS A 69 -3.39 -5.19 -2.46
N GLY A 70 -2.94 -3.94 -2.34
CA GLY A 70 -3.20 -2.87 -3.34
C GLY A 70 -2.53 -3.17 -4.66
N PHE A 71 -1.25 -3.55 -4.63
CA PHE A 71 -0.50 -3.90 -5.87
C PHE A 71 -1.07 -5.21 -6.42
N LEU A 72 -1.54 -6.12 -5.53
CA LEU A 72 -2.17 -7.42 -5.88
C LEU A 72 -3.43 -7.16 -6.71
N ALA A 73 -4.29 -6.25 -6.25
CA ALA A 73 -5.48 -5.77 -6.99
C ALA A 73 -5.08 -5.18 -8.35
N ALA A 74 -3.99 -4.39 -8.45
CA ALA A 74 -3.57 -3.73 -9.72
C ALA A 74 -2.96 -4.76 -10.69
N ALA A 75 -2.35 -5.81 -10.16
CA ALA A 75 -1.84 -6.96 -10.95
C ALA A 75 -3.04 -7.75 -11.50
N VAL A 76 -4.06 -8.00 -10.68
CA VAL A 76 -5.35 -8.64 -11.09
C VAL A 76 -5.95 -7.85 -12.25
N LEU A 77 -5.96 -6.52 -12.14
CA LEU A 77 -6.53 -5.59 -13.16
C LEU A 77 -5.68 -5.67 -14.43
N ALA A 78 -4.36 -5.58 -14.30
CA ALA A 78 -3.40 -5.65 -15.43
C ALA A 78 -3.66 -6.92 -16.25
N ARG A 79 -3.83 -8.06 -15.56
CA ARG A 79 -4.15 -9.37 -16.19
C ARG A 79 -5.49 -9.26 -16.92
N SER A 80 -6.48 -8.60 -16.29
CA SER A 80 -7.87 -8.45 -16.80
C SER A 80 -7.86 -7.75 -18.17
N GLN A 81 -6.84 -6.93 -18.45
CA GLN A 81 -6.67 -6.23 -19.75
C GLN A 81 -6.32 -7.23 -20.87
N GLN A 82 -5.92 -8.47 -20.52
CA GLN A 82 -5.62 -9.57 -21.48
C GLN A 82 -6.84 -10.48 -21.59
N GLN A 83 -7.34 -10.99 -20.45
CA GLN A 83 -8.46 -11.97 -20.38
C GLN A 83 -9.71 -11.27 -19.81
N ALA A 84 -10.47 -10.59 -20.67
CA ALA A 84 -11.77 -9.96 -20.34
C ALA A 84 -12.73 -11.05 -19.82
N GLY A 85 -13.35 -10.83 -18.66
CA GLY A 85 -14.22 -11.81 -17.97
C GLY A 85 -13.54 -12.40 -16.75
N LEU A 86 -12.24 -12.14 -16.59
CA LEU A 86 -11.45 -12.50 -15.38
C LEU A 86 -12.14 -11.92 -14.14
N LEU A 87 -12.47 -10.63 -14.15
CA LEU A 87 -13.04 -9.91 -12.99
C LEU A 87 -14.38 -10.52 -12.58
N ASP A 88 -15.10 -11.10 -13.54
CA ASP A 88 -16.47 -11.66 -13.35
C ASP A 88 -16.39 -13.10 -12.82
N THR A 89 -15.19 -13.71 -12.77
CA THR A 89 -15.03 -15.17 -12.54
C THR A 89 -15.37 -15.49 -11.09
N PRO A 90 -16.38 -16.36 -10.83
CA PRO A 90 -16.67 -16.80 -9.46
C PRO A 90 -15.55 -17.65 -8.86
N ILE A 91 -15.22 -17.43 -7.59
CA ILE A 91 -14.19 -18.21 -6.84
C ILE A 91 -14.86 -18.87 -5.63
N ARG A 92 -14.77 -20.20 -5.53
CA ARG A 92 -15.34 -21.02 -4.43
C ARG A 92 -14.18 -21.31 -3.48
N TYR A 93 -14.46 -21.36 -2.17
N TYR A 93 -14.46 -21.36 -2.17
CA TYR A 93 -13.43 -21.58 -1.13
CA TYR A 93 -13.43 -21.59 -1.13
C TYR A 93 -14.08 -22.22 0.11
C TYR A 93 -14.07 -22.20 0.11
N GLY A 94 -13.24 -22.87 0.93
CA GLY A 94 -13.67 -23.55 2.16
C GLY A 94 -13.13 -22.88 3.41
N LYS A 95 -13.63 -23.30 4.57
CA LYS A 95 -13.30 -22.74 5.91
C LYS A 95 -11.77 -22.55 6.04
N ASN A 96 -10.97 -23.41 5.42
CA ASN A 96 -9.48 -23.39 5.52
C ASN A 96 -8.91 -22.07 4.98
N ALA A 97 -9.47 -21.55 3.88
CA ALA A 97 -9.08 -20.24 3.27
C ALA A 97 -9.17 -19.11 4.31
N LEU A 98 -10.13 -19.19 5.23
CA LEU A 98 -10.50 -18.07 6.16
C LEU A 98 -9.45 -17.91 7.28
N VAL A 99 -8.29 -17.31 6.96
CA VAL A 99 -7.24 -16.96 7.96
C VAL A 99 -7.72 -15.74 8.75
N PRO A 100 -7.18 -15.50 9.96
CA PRO A 100 -7.63 -14.37 10.77
C PRO A 100 -7.70 -13.08 9.95
N TRP A 101 -8.67 -12.23 10.30
CA TRP A 101 -9.08 -10.97 9.60
C TRP A 101 -9.39 -11.24 8.13
N SER A 102 -10.48 -11.95 7.89
CA SER A 102 -11.15 -12.08 6.57
C SER A 102 -12.59 -11.63 6.75
N PRO A 103 -12.82 -10.33 7.06
CA PRO A 103 -14.15 -9.84 7.49
C PRO A 103 -15.25 -9.91 6.43
N ILE A 104 -14.87 -9.82 5.15
CA ILE A 104 -15.82 -9.92 4.00
C ILE A 104 -16.01 -11.38 3.55
N SER A 105 -14.90 -12.06 3.23
N SER A 105 -14.91 -12.06 3.19
CA SER A 105 -14.84 -13.43 2.66
CA SER A 105 -14.91 -13.44 2.63
C SER A 105 -15.53 -14.44 3.59
C SER A 105 -15.62 -14.41 3.59
N GLU A 106 -15.55 -14.18 4.90
CA GLU A 106 -16.17 -15.10 5.90
C GLU A 106 -17.70 -15.04 5.76
N LYS A 107 -18.25 -13.94 5.23
CA LYS A 107 -19.70 -13.72 5.01
C LYS A 107 -20.18 -14.44 3.75
N TYR A 108 -19.28 -14.84 2.84
CA TYR A 108 -19.63 -15.40 1.50
C TYR A 108 -19.02 -16.80 1.31
N LEU A 109 -18.61 -17.46 2.40
CA LEU A 109 -18.02 -18.82 2.41
C LEU A 109 -18.97 -19.78 1.69
N THR A 110 -20.24 -19.78 2.06
CA THR A 110 -21.27 -20.75 1.59
C THR A 110 -21.68 -20.45 0.14
N THR A 111 -21.26 -19.31 -0.41
CA THR A 111 -21.70 -18.87 -1.77
C THR A 111 -20.47 -18.71 -2.68
N GLY A 112 -19.30 -18.40 -2.10
CA GLY A 112 -18.13 -17.89 -2.84
C GLY A 112 -18.35 -16.45 -3.27
N MET A 113 -17.36 -15.86 -3.98
N MET A 113 -17.47 -15.93 -4.12
CA MET A 113 -17.33 -14.45 -4.46
CA MET A 113 -17.65 -14.59 -4.72
C MET A 113 -16.68 -14.41 -5.86
C MET A 113 -16.67 -14.41 -5.87
N THR A 114 -16.79 -13.28 -6.59
CA THR A 114 -16.05 -13.05 -7.86
C THR A 114 -14.65 -12.47 -7.56
N VAL A 115 -13.78 -12.49 -8.57
CA VAL A 115 -12.40 -11.93 -8.52
C VAL A 115 -12.46 -10.45 -8.08
N ALA A 116 -13.35 -9.66 -8.69
CA ALA A 116 -13.48 -8.20 -8.46
C ALA A 116 -13.83 -7.96 -6.98
N GLU A 117 -14.79 -8.73 -6.46
CA GLU A 117 -15.26 -8.63 -5.05
C GLU A 117 -14.10 -8.98 -4.11
N LEU A 118 -13.34 -10.03 -4.41
CA LEU A 118 -12.13 -10.42 -3.62
C LEU A 118 -11.11 -9.27 -3.69
N SER A 119 -10.92 -8.66 -4.87
CA SER A 119 -10.00 -7.54 -5.08
C SER A 119 -10.43 -6.34 -4.23
N ALA A 120 -11.74 -6.05 -4.20
CA ALA A 120 -12.34 -4.93 -3.45
C ALA A 120 -12.17 -5.22 -1.97
N ALA A 121 -12.48 -6.45 -1.55
CA ALA A 121 -12.34 -6.92 -0.16
C ALA A 121 -10.89 -6.72 0.32
N ALA A 122 -9.93 -7.21 -0.47
CA ALA A 122 -8.48 -7.16 -0.20
C ALA A 122 -8.01 -5.70 -0.06
N VAL A 123 -8.36 -4.83 -1.01
CA VAL A 123 -7.98 -3.38 -0.98
C VAL A 123 -8.70 -2.64 0.15
N GLN A 124 -10.03 -2.79 0.29
CA GLN A 124 -10.88 -1.85 1.07
C GLN A 124 -11.10 -2.38 2.49
N TYR A 125 -11.00 -3.69 2.70
CA TYR A 125 -11.13 -4.29 4.05
C TYR A 125 -9.87 -5.06 4.42
N SER A 126 -8.89 -5.10 3.50
CA SER A 126 -7.56 -5.73 3.76
C SER A 126 -7.76 -7.24 3.99
N ASP A 127 -8.81 -7.81 3.37
CA ASP A 127 -9.31 -9.18 3.71
C ASP A 127 -8.23 -10.21 3.40
N ASN A 128 -7.80 -10.99 4.40
CA ASN A 128 -6.60 -11.87 4.30
C ASN A 128 -6.91 -13.09 3.44
N ALA A 129 -8.04 -13.79 3.65
CA ALA A 129 -8.48 -14.89 2.76
C ALA A 129 -8.52 -14.40 1.29
N ALA A 130 -9.13 -13.23 1.06
CA ALA A 130 -9.30 -12.63 -0.29
C ALA A 130 -7.94 -12.46 -0.97
N ALA A 131 -6.95 -11.98 -0.22
CA ALA A 131 -5.55 -11.76 -0.71
C ALA A 131 -4.96 -13.11 -1.13
N ASN A 132 -4.99 -14.12 -0.25
CA ASN A 132 -4.41 -15.46 -0.51
C ASN A 132 -5.08 -16.09 -1.73
N LEU A 133 -6.40 -15.96 -1.86
CA LEU A 133 -7.16 -16.53 -3.01
C LEU A 133 -6.71 -15.81 -4.29
N LEU A 134 -6.47 -14.50 -4.23
CA LEU A 134 -6.03 -13.69 -5.41
C LEU A 134 -4.55 -13.95 -5.73
N LEU A 135 -3.72 -14.19 -4.71
CA LEU A 135 -2.30 -14.59 -4.91
C LEU A 135 -2.27 -15.88 -5.74
N LYS A 136 -3.03 -16.90 -5.33
CA LYS A 136 -3.11 -18.20 -6.07
C LYS A 136 -3.32 -17.91 -7.56
N GLU A 137 -4.25 -17.02 -7.90
CA GLU A 137 -4.66 -16.76 -9.31
C GLU A 137 -3.53 -16.14 -10.15
N LEU A 138 -2.50 -15.54 -9.55
CA LEU A 138 -1.44 -14.83 -10.31
C LEU A 138 -0.11 -15.60 -10.31
N GLY A 139 -0.05 -16.79 -9.71
CA GLY A 139 1.18 -17.59 -9.60
C GLY A 139 1.88 -17.39 -8.26
N GLY A 140 1.15 -16.96 -7.23
CA GLY A 140 1.68 -16.79 -5.86
C GLY A 140 2.55 -15.54 -5.75
N PRO A 141 3.26 -15.37 -4.61
CA PRO A 141 4.10 -14.18 -4.40
C PRO A 141 5.06 -13.86 -5.55
N ALA A 142 5.70 -14.88 -6.15
CA ALA A 142 6.63 -14.72 -7.29
C ALA A 142 5.87 -14.12 -8.47
N GLY A 143 4.60 -14.46 -8.63
CA GLY A 143 3.73 -13.89 -9.67
C GLY A 143 3.48 -12.41 -9.46
N LEU A 144 3.22 -11.95 -8.24
CA LEU A 144 2.96 -10.51 -7.99
C LEU A 144 4.26 -9.74 -8.22
N THR A 145 5.36 -10.26 -7.70
CA THR A 145 6.73 -9.71 -7.91
C THR A 145 6.99 -9.57 -9.41
N ALA A 146 6.73 -10.62 -10.18
CA ALA A 146 6.88 -10.62 -11.65
C ALA A 146 6.14 -9.42 -12.24
N PHE A 147 4.92 -9.13 -11.78
CA PHE A 147 4.13 -7.98 -12.28
C PHE A 147 4.88 -6.67 -12.02
N MET A 148 5.37 -6.48 -10.79
CA MET A 148 6.03 -5.21 -10.39
C MET A 148 7.33 -5.03 -11.20
N ARG A 149 8.08 -6.10 -11.43
CA ARG A 149 9.29 -6.05 -12.32
C ARG A 149 8.87 -5.50 -13.70
N SER A 150 7.70 -5.90 -14.21
CA SER A 150 7.22 -5.55 -15.59
C SER A 150 6.93 -4.04 -15.70
N ILE A 151 6.63 -3.36 -14.59
CA ILE A 151 6.39 -1.88 -14.56
C ILE A 151 7.67 -1.16 -14.12
N GLY A 152 8.79 -1.88 -14.02
CA GLY A 152 10.14 -1.30 -13.81
C GLY A 152 10.47 -1.13 -12.34
N ASP A 153 9.76 -1.81 -11.45
CA ASP A 153 10.06 -1.84 -9.98
C ASP A 153 11.01 -3.02 -9.71
N THR A 154 12.27 -2.72 -9.40
CA THR A 154 13.35 -3.72 -9.13
C THR A 154 13.53 -3.91 -7.63
N THR A 155 12.75 -3.21 -6.80
CA THR A 155 12.88 -3.23 -5.31
C THR A 155 11.86 -4.18 -4.69
N PHE A 156 10.60 -4.06 -5.10
CA PHE A 156 9.45 -4.82 -4.55
C PHE A 156 9.78 -6.32 -4.55
N ARG A 157 9.52 -7.00 -3.43
CA ARG A 157 9.46 -8.48 -3.43
C ARG A 157 8.38 -8.95 -2.48
N LEU A 158 7.46 -9.79 -2.98
CA LEU A 158 6.61 -10.64 -2.11
C LEU A 158 7.16 -12.06 -2.17
N ASP A 159 7.28 -12.69 -1.00
CA ASP A 159 7.89 -14.02 -0.81
C ASP A 159 6.86 -15.03 -0.29
N ARG A 160 5.98 -14.60 0.62
CA ARG A 160 5.11 -15.50 1.41
C ARG A 160 3.65 -15.05 1.32
N TRP A 161 2.78 -15.79 2.02
CA TRP A 161 1.30 -15.60 2.05
C TRP A 161 0.86 -15.06 3.40
N GLU A 162 -0.40 -14.63 3.48
CA GLU A 162 -1.08 -14.30 4.75
C GLU A 162 -1.23 -15.59 5.57
N LEU A 163 -0.85 -15.58 6.86
CA LEU A 163 -0.38 -14.43 7.61
C LEU A 163 1.15 -14.37 7.68
N GLU A 164 1.88 -15.33 7.07
CA GLU A 164 3.34 -15.54 7.35
C GLU A 164 4.15 -14.32 6.89
N LEU A 165 3.71 -13.64 5.83
CA LEU A 165 4.41 -12.46 5.27
C LEU A 165 4.46 -11.30 6.29
N ASN A 166 3.78 -11.43 7.43
CA ASN A 166 3.69 -10.34 8.44
C ASN A 166 4.78 -10.43 9.50
N SER A 167 5.75 -11.35 9.39
CA SER A 167 6.76 -11.61 10.46
C SER A 167 7.57 -10.33 10.77
N ALA A 168 7.82 -9.49 9.76
CA ALA A 168 8.50 -8.17 9.90
C ALA A 168 9.82 -8.30 10.67
N ILE A 169 10.56 -9.39 10.43
CA ILE A 169 11.84 -9.69 11.11
C ILE A 169 12.87 -8.64 10.72
N PRO A 170 13.55 -8.01 11.70
CA PRO A 170 14.56 -6.99 11.40
C PRO A 170 15.64 -7.54 10.44
N GLY A 171 15.91 -6.80 9.38
CA GLY A 171 16.93 -7.15 8.37
C GLY A 171 16.46 -8.19 7.35
N ASP A 172 15.27 -8.78 7.51
CA ASP A 172 14.67 -9.73 6.53
C ASP A 172 14.16 -8.94 5.31
N ALA A 173 14.69 -9.21 4.12
CA ALA A 173 14.25 -8.53 2.87
C ALA A 173 12.94 -9.16 2.37
N ARG A 174 12.55 -10.35 2.82
CA ARG A 174 11.30 -11.01 2.35
C ARG A 174 10.11 -10.08 2.59
N ASP A 175 9.24 -9.93 1.58
CA ASP A 175 7.92 -9.27 1.71
C ASP A 175 8.15 -7.80 2.09
N THR A 176 9.10 -7.14 1.43
CA THR A 176 9.48 -5.73 1.68
C THR A 176 9.51 -4.98 0.36
N SER A 177 9.44 -3.66 0.48
CA SER A 177 9.87 -2.72 -0.56
C SER A 177 10.43 -1.46 0.12
N SER A 178 10.75 -0.44 -0.66
CA SER A 178 11.18 0.88 -0.16
C SER A 178 10.06 1.89 -0.40
N PRO A 179 9.93 2.94 0.45
CA PRO A 179 8.98 4.01 0.22
C PRO A 179 9.10 4.60 -1.19
N ARG A 180 10.33 4.77 -1.68
N ARG A 180 10.32 4.84 -1.67
CA ARG A 180 10.61 5.39 -3.00
CA ARG A 180 10.52 5.41 -3.03
C ARG A 180 10.09 4.51 -4.14
C ARG A 180 9.88 4.46 -4.03
N ALA A 181 10.28 3.18 -4.05
CA ALA A 181 9.78 2.21 -5.05
C ALA A 181 8.25 2.14 -4.95
N VAL A 182 7.71 2.15 -3.73
CA VAL A 182 6.24 2.08 -3.51
C VAL A 182 5.61 3.30 -4.18
N THR A 183 6.16 4.49 -3.94
CA THR A 183 5.60 5.75 -4.52
C THR A 183 5.74 5.72 -6.05
N GLU A 184 6.91 5.33 -6.56
CA GLU A 184 7.21 5.34 -8.01
C GLU A 184 6.22 4.40 -8.71
N SER A 185 6.02 3.19 -8.17
CA SER A 185 5.11 2.14 -8.70
C SER A 185 3.65 2.58 -8.55
N LEU A 186 3.29 3.21 -7.44
CA LEU A 186 1.91 3.74 -7.25
C LEU A 186 1.60 4.81 -8.30
N GLN A 187 2.53 5.72 -8.55
N GLN A 187 2.56 5.70 -8.58
CA GLN A 187 2.36 6.80 -9.56
CA GLN A 187 2.42 6.81 -9.55
C GLN A 187 2.10 6.17 -10.93
C GLN A 187 2.23 6.27 -10.97
N LYS A 188 2.89 5.16 -11.29
CA LYS A 188 2.76 4.46 -12.60
C LYS A 188 1.37 3.84 -12.73
N LEU A 189 0.86 3.20 -11.68
CA LEU A 189 -0.37 2.37 -11.72
C LEU A 189 -1.61 3.26 -11.59
N THR A 190 -1.53 4.39 -10.87
CA THR A 190 -2.68 5.31 -10.61
C THR A 190 -2.70 6.49 -11.60
N LEU A 191 -1.53 7.05 -11.95
CA LEU A 191 -1.42 8.31 -12.76
C LEU A 191 -0.64 8.11 -14.06
N GLY A 192 0.15 7.04 -14.21
CA GLY A 192 1.01 6.82 -15.38
C GLY A 192 0.33 5.91 -16.39
N SER A 193 1.11 5.21 -17.23
CA SER A 193 0.61 4.37 -18.35
C SER A 193 0.75 2.88 -18.04
N ALA A 194 1.02 2.52 -16.78
CA ALA A 194 1.22 1.11 -16.36
C ALA A 194 -0.08 0.32 -16.58
N LEU A 195 -1.23 0.93 -16.36
CA LEU A 195 -2.56 0.29 -16.59
C LEU A 195 -3.29 1.01 -17.73
N ALA A 196 -4.20 0.31 -18.41
CA ALA A 196 -5.21 0.89 -19.31
C ALA A 196 -6.16 1.78 -18.50
N ALA A 197 -6.60 2.90 -19.07
CA ALA A 197 -7.43 3.95 -18.42
C ALA A 197 -8.60 3.34 -17.64
N PRO A 198 -9.35 2.36 -18.20
CA PRO A 198 -10.45 1.74 -17.45
C PRO A 198 -9.96 1.07 -16.16
N GLN A 199 -8.91 0.25 -16.27
CA GLN A 199 -8.32 -0.50 -15.13
C GLN A 199 -7.71 0.50 -14.14
N ARG A 200 -7.08 1.55 -14.67
CA ARG A 200 -6.47 2.65 -13.87
C ARG A 200 -7.53 3.31 -12.99
N GLN A 201 -8.66 3.69 -13.59
CA GLN A 201 -9.74 4.43 -12.87
C GLN A 201 -10.38 3.48 -11.87
N GLN A 202 -10.52 2.19 -12.25
CA GLN A 202 -10.99 1.13 -11.31
C GLN A 202 -10.03 1.03 -10.12
N PHE A 203 -8.72 1.02 -10.36
CA PHE A 203 -7.68 0.91 -9.28
C PHE A 203 -7.83 2.10 -8.32
N VAL A 204 -7.80 3.31 -8.87
CA VAL A 204 -8.03 4.60 -8.15
C VAL A 204 -9.30 4.50 -7.32
N ASP A 205 -10.37 3.91 -7.86
CA ASP A 205 -11.70 3.88 -7.21
C ASP A 205 -11.68 2.88 -6.06
N TRP A 206 -11.01 1.74 -6.18
CA TRP A 206 -10.88 0.80 -5.04
C TRP A 206 -10.12 1.52 -3.91
N LEU A 207 -9.05 2.22 -4.25
CA LEU A 207 -8.18 2.98 -3.31
C LEU A 207 -8.99 4.10 -2.64
N LYS A 208 -9.76 4.85 -3.42
CA LYS A 208 -10.67 5.93 -2.94
C LYS A 208 -11.69 5.35 -1.95
N GLY A 209 -12.18 4.12 -2.18
CA GLY A 209 -13.17 3.45 -1.32
C GLY A 209 -12.56 2.71 -0.15
N ASN A 210 -11.24 2.83 0.08
CA ASN A 210 -10.62 2.10 1.21
C ASN A 210 -11.29 2.52 2.52
N THR A 211 -11.55 1.55 3.42
CA THR A 211 -12.24 1.79 4.72
C THR A 211 -11.24 1.77 5.88
N THR A 212 -9.98 1.37 5.66
CA THR A 212 -9.03 0.99 6.75
C THR A 212 -8.02 2.11 7.04
N GLY A 213 -8.02 3.19 6.26
CA GLY A 213 -6.96 4.21 6.29
C GLY A 213 -7.38 5.54 6.88
N ASN A 214 -8.50 5.63 7.61
CA ASN A 214 -9.05 6.94 8.04
C ASN A 214 -8.09 7.64 9.03
N HIS A 215 -7.26 6.88 9.75
CA HIS A 215 -6.38 7.42 10.83
C HIS A 215 -4.93 7.58 10.35
N ARG A 216 -4.64 7.41 9.05
CA ARG A 216 -3.26 7.43 8.52
C ARG A 216 -3.12 8.61 7.57
N ILE A 217 -2.78 8.42 6.29
CA ILE A 217 -2.49 9.57 5.38
C ILE A 217 -3.75 10.44 5.28
N ARG A 218 -4.93 9.83 5.25
CA ARG A 218 -6.23 10.55 5.14
C ARG A 218 -6.39 11.57 6.27
N ALA A 219 -5.86 11.27 7.46
CA ALA A 219 -5.98 12.15 8.64
C ALA A 219 -5.23 13.47 8.42
N ALA A 220 -4.30 13.54 7.46
CA ALA A 220 -3.50 14.74 7.14
C ALA A 220 -4.02 15.46 5.89
N VAL A 221 -5.08 14.93 5.26
CA VAL A 221 -5.61 15.42 3.96
C VAL A 221 -6.90 16.19 4.20
N PRO A 222 -6.96 17.49 3.85
CA PRO A 222 -8.21 18.25 3.88
C PRO A 222 -9.39 17.53 3.19
N ALA A 223 -10.60 17.74 3.72
CA ALA A 223 -11.82 17.00 3.31
C ALA A 223 -12.20 17.28 1.85
N ASP A 224 -11.75 18.42 1.30
CA ASP A 224 -12.10 18.84 -0.09
C ASP A 224 -11.06 18.33 -1.09
N TRP A 225 -10.06 17.55 -0.65
CA TRP A 225 -9.09 16.86 -1.53
C TRP A 225 -9.44 15.37 -1.64
N ALA A 226 -9.52 14.84 -2.87
CA ALA A 226 -9.71 13.40 -3.14
C ALA A 226 -8.44 12.64 -2.71
N VAL A 227 -8.61 11.42 -2.22
CA VAL A 227 -7.48 10.54 -1.80
C VAL A 227 -7.94 9.09 -1.89
N GLY A 228 -7.08 8.24 -2.45
CA GLY A 228 -7.15 6.78 -2.34
C GLY A 228 -5.90 6.28 -1.66
N ASP A 229 -6.03 5.27 -0.81
CA ASP A 229 -4.90 4.74 -0.02
C ASP A 229 -5.03 3.23 0.11
N LYS A 230 -3.91 2.57 0.40
CA LYS A 230 -3.90 1.19 0.94
C LYS A 230 -2.98 1.15 2.17
N THR A 231 -3.49 0.58 3.26
CA THR A 231 -2.81 0.42 4.57
C THR A 231 -2.09 -0.93 4.63
N GLY A 232 -1.14 -1.04 5.55
CA GLY A 232 -0.54 -2.32 5.98
C GLY A 232 -0.23 -2.27 7.46
N THR A 233 -0.55 -3.34 8.17
CA THR A 233 -0.29 -3.50 9.63
C THR A 233 0.12 -4.95 9.86
N CYS A 234 1.36 -5.16 10.30
CA CYS A 234 1.99 -6.49 10.48
C CYS A 234 1.65 -7.06 11.87
N GLY A 235 1.46 -6.18 12.86
CA GLY A 235 1.09 -6.56 14.24
C GLY A 235 2.28 -6.80 15.16
N VAL A 236 3.50 -6.71 14.62
CA VAL A 236 4.78 -6.91 15.37
C VAL A 236 5.78 -5.86 14.91
N TYR A 237 6.84 -5.63 15.70
CA TYR A 237 8.00 -4.78 15.32
C TYR A 237 7.53 -3.38 14.89
N GLY A 238 6.50 -2.84 15.57
CA GLY A 238 5.95 -1.48 15.33
C GLY A 238 5.82 -1.19 13.84
N THR A 239 5.39 -2.19 13.08
CA THR A 239 5.45 -2.20 11.59
C THR A 239 4.05 -2.00 11.02
N ALA A 240 3.84 -0.83 10.43
CA ALA A 240 2.56 -0.38 9.84
C ALA A 240 2.90 0.65 8.76
N ASN A 241 2.02 0.85 7.80
CA ASN A 241 2.32 1.71 6.64
C ASN A 241 1.02 2.14 5.96
N ASP A 242 1.15 3.01 4.97
CA ASP A 242 0.05 3.52 4.14
C ASP A 242 0.69 4.14 2.90
N TYR A 243 0.09 3.94 1.74
CA TYR A 243 0.44 4.77 0.57
C TYR A 243 -0.86 5.33 0.02
N ALA A 244 -0.76 6.46 -0.67
CA ALA A 244 -1.91 7.25 -1.14
C ALA A 244 -1.51 8.07 -2.36
N VAL A 245 -2.50 8.27 -3.23
CA VAL A 245 -2.55 9.38 -4.20
C VAL A 245 -3.52 10.40 -3.63
N VAL A 246 -3.15 11.67 -3.72
CA VAL A 246 -3.89 12.81 -3.13
C VAL A 246 -4.05 13.85 -4.22
N TRP A 247 -5.29 14.28 -4.47
CA TRP A 247 -5.59 15.29 -5.51
C TRP A 247 -5.96 16.61 -4.82
N PRO A 248 -4.98 17.45 -4.43
CA PRO A 248 -5.28 18.76 -3.87
C PRO A 248 -6.03 19.54 -4.96
N THR A 249 -6.85 20.51 -4.55
CA THR A 249 -7.60 21.34 -5.53
C THR A 249 -6.65 22.33 -6.23
N GLY A 250 -6.82 22.52 -7.53
CA GLY A 250 -6.02 23.51 -8.30
C GLY A 250 -4.52 23.31 -8.23
N ARG A 251 -4.01 22.11 -7.96
CA ARG A 251 -2.57 21.76 -8.16
C ARG A 251 -2.45 20.27 -8.48
N ALA A 252 -1.26 19.83 -8.91
CA ALA A 252 -1.03 18.47 -9.43
C ALA A 252 -1.19 17.49 -8.28
N PRO A 253 -1.61 16.23 -8.56
CA PRO A 253 -1.70 15.20 -7.54
C PRO A 253 -0.35 14.99 -6.83
N ILE A 254 -0.39 14.63 -5.55
CA ILE A 254 0.78 14.19 -4.75
C ILE A 254 0.69 12.67 -4.58
N VAL A 255 1.79 11.95 -4.76
CA VAL A 255 1.87 10.49 -4.47
C VAL A 255 2.85 10.33 -3.31
N LEU A 256 2.49 9.55 -2.28
CA LEU A 256 3.39 9.37 -1.12
C LEU A 256 3.18 8.01 -0.46
N ALA A 257 4.24 7.54 0.19
CA ALA A 257 4.33 6.27 0.92
C ALA A 257 4.90 6.62 2.29
N VAL A 258 4.31 6.08 3.34
CA VAL A 258 4.79 6.26 4.74
C VAL A 258 4.85 4.87 5.37
N TYR A 259 6.06 4.37 5.63
CA TYR A 259 6.31 3.05 6.24
C TYR A 259 7.00 3.24 7.59
N THR A 260 6.65 2.38 8.53
CA THR A 260 7.30 2.33 9.85
C THR A 260 7.69 0.90 10.18
N ARG A 261 8.74 0.79 11.00
N ARG A 261 8.78 0.79 10.96
CA ARG A 261 9.04 -0.43 11.77
CA ARG A 261 9.24 -0.44 11.65
C ARG A 261 9.81 0.00 13.01
C ARG A 261 9.85 0.00 12.99
N ALA A 262 10.12 -0.96 13.87
CA ALA A 262 10.71 -0.75 15.21
C ALA A 262 11.55 -1.96 15.54
N PRO A 263 12.57 -1.78 16.42
CA PRO A 263 13.55 -2.84 16.65
C PRO A 263 13.05 -4.05 17.46
N ASN A 264 12.03 -3.89 18.32
CA ASN A 264 11.58 -4.98 19.24
C ASN A 264 10.27 -5.57 18.70
N LYS A 265 10.10 -6.89 18.86
CA LYS A 265 8.91 -7.62 18.39
C LYS A 265 7.66 -7.03 19.04
N ASP A 266 7.75 -6.68 20.33
CA ASP A 266 6.60 -6.21 21.14
C ASP A 266 6.39 -4.71 21.00
N ASP A 267 7.14 -4.03 20.13
CA ASP A 267 6.92 -2.59 19.86
C ASP A 267 5.56 -2.45 19.16
N LYS A 268 4.79 -1.42 19.51
CA LYS A 268 3.45 -1.13 18.94
C LYS A 268 3.63 -0.20 17.76
N HIS A 269 2.82 -0.37 16.73
CA HIS A 269 2.72 0.61 15.61
C HIS A 269 1.94 1.83 16.13
N SER A 270 2.01 2.95 15.42
CA SER A 270 1.23 4.18 15.69
C SER A 270 0.63 4.71 14.39
N GLU A 271 -0.69 4.80 14.31
CA GLU A 271 -1.39 5.48 13.21
C GLU A 271 -1.10 6.99 13.28
N ALA A 272 -1.00 7.54 14.49
CA ALA A 272 -0.75 8.99 14.70
C ALA A 272 0.60 9.38 14.09
N VAL A 273 1.60 8.52 14.24
CA VAL A 273 2.97 8.73 13.68
C VAL A 273 2.88 8.73 12.14
N ILE A 274 2.11 7.82 11.54
CA ILE A 274 1.94 7.76 10.06
C ILE A 274 1.27 9.06 9.59
N ALA A 275 0.21 9.49 10.24
CA ALA A 275 -0.53 10.74 9.94
C ALA A 275 0.43 11.94 10.06
N ALA A 276 1.22 12.00 11.13
CA ALA A 276 2.17 13.11 11.40
C ALA A 276 3.24 13.13 10.30
N ALA A 277 3.74 11.95 9.89
CA ALA A 277 4.76 11.80 8.83
C ALA A 277 4.19 12.27 7.49
N ALA A 278 2.92 11.96 7.23
CA ALA A 278 2.21 12.43 6.02
C ALA A 278 2.13 13.96 6.06
N ARG A 279 1.75 14.55 7.20
CA ARG A 279 1.67 16.03 7.37
C ARG A 279 3.04 16.64 7.00
N LEU A 280 4.12 16.12 7.59
CA LEU A 280 5.50 16.66 7.38
C LEU A 280 5.88 16.55 5.91
N ALA A 281 5.52 15.43 5.26
CA ALA A 281 5.75 15.21 3.81
C ALA A 281 5.03 16.28 3.00
N LEU A 282 3.73 16.47 3.25
CA LEU A 282 2.91 17.48 2.54
C LEU A 282 3.47 18.88 2.83
N GLU A 283 3.84 19.15 4.09
N GLU A 283 3.85 19.15 4.08
CA GLU A 283 4.41 20.45 4.54
CA GLU A 283 4.41 20.45 4.52
C GLU A 283 5.74 20.68 3.82
C GLU A 283 5.75 20.69 3.81
N GLY A 284 6.59 19.65 3.74
CA GLY A 284 7.90 19.73 3.06
C GLY A 284 7.74 20.04 1.57
N LEU A 285 6.65 19.58 0.96
CA LEU A 285 6.29 19.90 -0.45
C LEU A 285 5.60 21.27 -0.50
N GLY A 286 5.16 21.79 0.66
CA GLY A 286 4.54 23.12 0.82
C GLY A 286 3.13 23.16 0.23
N VAL A 287 2.37 22.08 0.35
CA VAL A 287 1.01 21.94 -0.27
C VAL A 287 -0.04 22.40 0.74
N ASN A 288 0.17 22.13 2.04
CA ASN A 288 -0.52 22.73 3.21
C ASN A 288 -1.89 23.30 2.84
#